data_7Q2M
#
_entry.id   7Q2M
#
_cell.length_a   50.300
_cell.length_b   68.991
_cell.length_c   117.534
_cell.angle_alpha   90.000
_cell.angle_beta   90.000
_cell.angle_gamma   90.000
#
_symmetry.space_group_name_H-M   'I 2 2 2'
#
loop_
_entity.id
_entity.type
_entity.pdbx_description
1 polymer 'Cholinephosphate cytidylyltransferase'
2 non-polymer (2S)-but-3-yn-2-amine
3 water water
#
_entity_poly.entity_id   1
_entity_poly.type   'polypeptide(L)'
_entity_poly.pdbx_seq_one_letter_code
;GHMAVPDDDDDDDNSNDESEYESSQMDSEKNKGSIKNSKNVVIYADGVYDMLHLGHMKQLEQAKKLFENTTLIVGVTSDN
ETKLFKGQVVQTLEERTETLKHIRWVDEIISPCPWVVTPEFLEKYKIDYVAHDDIPYANNQKEDIYAWLKRAGKFKATQR
TEGVSTTDLIVRILKNYEDY
;
_entity_poly.pdbx_strand_id   A
#
# COMPACT_ATOMS: atom_id res chain seq x y z
N SER A 38 -16.37 -7.99 18.87
CA SER A 38 -15.53 -8.29 17.71
C SER A 38 -14.19 -7.55 17.80
N LYS A 39 -13.12 -8.27 18.15
CA LYS A 39 -11.82 -7.68 18.45
C LYS A 39 -11.24 -6.93 17.25
N ASN A 40 -10.47 -5.89 17.53
CA ASN A 40 -9.85 -5.11 16.47
C ASN A 40 -8.63 -5.83 15.90
N VAL A 41 -8.52 -5.82 14.58
CA VAL A 41 -7.45 -6.49 13.85
C VAL A 41 -6.61 -5.43 13.16
N VAL A 42 -5.29 -5.50 13.34
CA VAL A 42 -4.39 -4.52 12.75
C VAL A 42 -3.89 -5.06 11.41
N ILE A 43 -4.19 -4.35 10.33
CA ILE A 43 -3.76 -4.68 8.98
C ILE A 43 -2.67 -3.70 8.55
N TYR A 44 -1.63 -4.23 7.93
CA TYR A 44 -0.59 -3.42 7.31
C TYR A 44 -0.59 -3.68 5.82
N ALA A 45 -0.74 -2.60 5.02
CA ALA A 45 -0.49 -2.60 3.58
C ALA A 45 0.64 -1.65 3.26
N ASP A 46 1.63 -2.10 2.50
CA ASP A 46 2.74 -1.23 2.12
C ASP A 46 2.79 -1.10 0.60
N GLY A 47 3.53 -0.10 0.14
CA GLY A 47 3.54 0.17 -1.29
C GLY A 47 4.14 1.53 -1.57
N VAL A 48 4.26 1.83 -2.86
CA VAL A 48 4.79 3.12 -3.30
C VAL A 48 3.70 4.18 -3.26
N TYR A 49 2.52 3.87 -3.80
CA TYR A 49 1.42 4.82 -3.85
C TYR A 49 1.80 6.09 -4.61
N ASP A 50 2.51 5.91 -5.72
CA ASP A 50 2.80 7.01 -6.62
C ASP A 50 1.54 7.37 -7.41
N MET A 51 1.24 8.67 -7.50
CA MET A 51 0.17 9.16 -8.36
C MET A 51 -1.11 8.36 -8.11
N LEU A 52 -1.57 8.43 -6.86
CA LEU A 52 -2.60 7.54 -6.35
C LEU A 52 -3.85 7.55 -7.24
N HIS A 53 -4.30 6.36 -7.63
CA HIS A 53 -5.48 6.24 -8.48
C HIS A 53 -6.49 5.27 -7.88
N LEU A 54 -7.56 5.03 -8.64
CA LEU A 54 -8.69 4.22 -8.14
C LEU A 54 -8.25 2.80 -7.84
N GLY A 55 -7.25 2.29 -8.57
CA GLY A 55 -6.74 0.96 -8.27
C GLY A 55 -6.15 0.84 -6.88
N HIS A 56 -5.31 1.80 -6.48
CA HIS A 56 -4.81 1.83 -5.11
C HIS A 56 -5.95 1.90 -4.13
N MET A 57 -6.88 2.79 -4.39
CA MET A 57 -7.94 3.08 -3.44
C MET A 57 -8.80 1.85 -3.18
N LYS A 58 -9.05 1.06 -4.22
CA LYS A 58 -9.86 -0.14 -4.04
C LYS A 58 -9.10 -1.20 -3.26
N GLN A 59 -7.79 -1.29 -3.51
CA GLN A 59 -6.95 -2.18 -2.73
C GLN A 59 -6.93 -1.79 -1.26
N LEU A 60 -6.78 -0.48 -0.98
CA LEU A 60 -6.84 -0.01 0.40
C LEU A 60 -8.20 -0.32 1.02
N GLU A 61 -9.28 -0.07 0.28
CA GLU A 61 -10.62 -0.39 0.80
C GLU A 61 -10.72 -1.87 1.14
N GLN A 62 -10.32 -2.74 0.22
CA GLN A 62 -10.33 -4.18 0.47
C GLN A 62 -9.56 -4.53 1.73
N ALA A 63 -8.34 -4.02 1.88
CA ALA A 63 -7.56 -4.34 3.08
C ALA A 63 -8.27 -3.83 4.32
N LYS A 64 -8.82 -2.61 4.26
CA LYS A 64 -9.53 -2.09 5.43
C LYS A 64 -10.71 -2.98 5.84
N LYS A 65 -11.38 -3.61 4.87
CA LYS A 65 -12.59 -4.39 5.10
C LYS A 65 -12.33 -5.89 5.20
N LEU A 66 -11.10 -6.30 5.49
CA LEU A 66 -10.82 -7.72 5.65
C LEU A 66 -11.53 -8.29 6.85
N PHE A 67 -11.68 -7.50 7.91
CA PHE A 67 -12.41 -7.92 9.10
C PHE A 67 -13.39 -6.83 9.50
N GLU A 68 -14.31 -7.19 10.39
CA GLU A 68 -15.34 -6.24 10.79
C GLU A 68 -14.71 -5.00 11.39
N ASN A 69 -13.76 -5.18 12.29
CA ASN A 69 -13.11 -4.07 13.00
C ASN A 69 -11.62 -4.17 12.78
N THR A 70 -11.07 -3.17 12.09
CA THR A 70 -9.67 -3.13 11.72
C THR A 70 -9.07 -1.77 12.03
N THR A 71 -7.75 -1.77 12.15
CA THR A 71 -6.91 -0.58 11.97
C THR A 71 -6.02 -0.87 10.78
N LEU A 72 -6.13 -0.05 9.75
CA LEU A 72 -5.29 -0.16 8.55
C LEU A 72 -4.16 0.83 8.68
N ILE A 73 -2.96 0.29 8.74
CA ILE A 73 -1.71 1.04 8.69
C ILE A 73 -1.21 0.93 7.26
N VAL A 74 -0.87 2.05 6.66
CA VAL A 74 -0.30 2.06 5.33
C VAL A 74 1.17 2.43 5.45
N GLY A 75 2.03 1.71 4.75
CA GLY A 75 3.45 2.00 4.75
C GLY A 75 3.83 2.53 3.38
N VAL A 76 4.56 3.64 3.38
CA VAL A 76 4.89 4.34 2.14
C VAL A 76 6.40 4.29 1.97
N THR A 77 6.86 3.80 0.81
CA THR A 77 8.29 3.51 0.62
C THR A 77 9.08 4.78 0.34
N SER A 78 10.33 4.78 0.77
CA SER A 78 11.21 5.93 0.53
C SER A 78 11.49 6.13 -0.95
N ASP A 79 11.82 7.37 -1.30
CA ASP A 79 12.17 7.68 -2.69
C ASP A 79 13.38 6.86 -3.13
N ASN A 80 14.41 6.76 -2.25
CA ASN A 80 15.65 6.11 -2.66
C ASN A 80 15.47 4.62 -2.87
N GLU A 81 14.86 3.92 -1.89
CA GLU A 81 14.70 2.49 -2.04
C GLU A 81 13.78 2.14 -3.20
N THR A 82 12.74 2.95 -3.44
CA THR A 82 11.87 2.74 -4.59
C THR A 82 12.66 2.85 -5.90
N LYS A 83 13.47 3.91 -6.03
CA LYS A 83 14.26 4.10 -7.24
CA LYS A 83 14.26 4.09 -7.24
C LYS A 83 15.24 2.94 -7.43
N LEU A 84 15.94 2.58 -6.36
CA LEU A 84 16.93 1.52 -6.44
C LEU A 84 16.29 0.18 -6.76
N PHE A 85 15.18 -0.17 -6.10
CA PHE A 85 14.63 -1.51 -6.18
C PHE A 85 13.50 -1.67 -7.20
N LYS A 86 12.70 -0.64 -7.46
CA LYS A 86 11.52 -0.79 -8.28
C LYS A 86 11.60 -0.01 -9.60
N GLY A 87 11.85 1.29 -9.53
CA GLY A 87 11.92 2.09 -10.73
C GLY A 87 11.63 3.54 -10.40
N GLN A 88 11.47 4.33 -11.46
CA GLN A 88 11.27 5.75 -11.29
C GLN A 88 9.97 6.02 -10.54
N VAL A 89 9.95 7.11 -9.78
CA VAL A 89 8.77 7.54 -9.05
C VAL A 89 8.59 9.03 -9.31
N VAL A 90 7.34 9.45 -9.49
CA VAL A 90 7.03 10.83 -9.84
C VAL A 90 6.99 11.71 -8.61
N GLN A 91 6.22 11.30 -7.63
CA GLN A 91 5.98 12.14 -6.47
C GLN A 91 6.96 11.81 -5.36
N THR A 92 7.24 12.82 -4.55
CA THR A 92 8.14 12.67 -3.42
C THR A 92 7.46 11.87 -2.33
N LEU A 93 8.25 11.43 -1.36
CA LEU A 93 7.67 10.74 -0.22
C LEU A 93 6.59 11.58 0.45
N GLU A 94 6.88 12.86 0.69
CA GLU A 94 5.93 13.72 1.38
C GLU A 94 4.64 13.89 0.58
N GLU A 95 4.74 14.04 -0.75
CA GLU A 95 3.55 14.14 -1.59
C GLU A 95 2.72 12.87 -1.56
N ARG A 96 3.37 11.72 -1.77
CA ARG A 96 2.65 10.45 -1.78
C ARG A 96 2.01 10.17 -0.44
N THR A 97 2.67 10.57 0.65
CA THR A 97 2.13 10.39 1.98
C THR A 97 0.98 11.35 2.25
N GLU A 98 1.12 12.61 1.80
CA GLU A 98 0.09 13.60 2.06
C GLU A 98 -1.22 13.22 1.40
N THR A 99 -1.14 12.74 0.16
CA THR A 99 -2.32 12.25 -0.55
C THR A 99 -3.01 11.13 0.23
N LEU A 100 -2.24 10.16 0.73
CA LEU A 100 -2.82 9.00 1.40
C LEU A 100 -3.59 9.41 2.64
N LYS A 101 -3.18 10.51 3.27
CA LYS A 101 -3.88 11.00 4.45
C LYS A 101 -5.34 11.32 4.15
N HIS A 102 -5.67 11.61 2.90
CA HIS A 102 -7.02 12.00 2.56
C HIS A 102 -7.93 10.81 2.23
N ILE A 103 -7.41 9.60 2.25
CA ILE A 103 -8.16 8.40 1.89
C ILE A 103 -8.87 7.89 3.13
N ARG A 104 -10.18 7.62 2.97
CA ARG A 104 -11.08 7.16 4.05
C ARG A 104 -10.57 5.92 4.77
N TRP A 105 -10.05 4.93 4.04
CA TRP A 105 -9.74 3.64 4.66
C TRP A 105 -8.47 3.66 5.49
N VAL A 106 -7.68 4.72 5.35
CA VAL A 106 -6.36 4.79 5.96
C VAL A 106 -6.49 5.29 7.37
N ASP A 107 -6.11 4.44 8.34
CA ASP A 107 -6.18 4.82 9.75
C ASP A 107 -4.84 5.35 10.26
N GLU A 108 -3.72 4.79 9.80
CA GLU A 108 -2.38 5.21 10.23
C GLU A 108 -1.40 5.08 9.08
N ILE A 109 -0.35 5.88 9.11
CA ILE A 109 0.65 5.85 8.06
C ILE A 109 2.04 5.74 8.68
N ILE A 110 2.84 4.83 8.16
CA ILE A 110 4.26 4.73 8.49
C ILE A 110 5.01 5.19 7.25
N SER A 111 5.73 6.30 7.37
CA SER A 111 6.32 6.96 6.22
C SER A 111 7.66 7.61 6.60
N PRO A 112 8.80 7.17 6.05
CA PRO A 112 8.92 6.04 5.14
C PRO A 112 8.76 4.72 5.86
N CYS A 113 8.39 3.67 5.13
CA CYS A 113 8.32 2.34 5.70
C CYS A 113 9.53 1.52 5.27
N PRO A 114 9.84 0.43 5.96
CA PRO A 114 10.94 -0.42 5.50
C PRO A 114 10.58 -1.10 4.20
N TRP A 115 11.59 -1.33 3.36
CA TRP A 115 11.35 -1.98 2.08
C TRP A 115 10.92 -3.43 2.28
N VAL A 116 11.51 -4.13 3.24
CA VAL A 116 11.15 -5.52 3.53
C VAL A 116 10.56 -5.61 4.92
N VAL A 117 9.41 -6.32 5.02
CA VAL A 117 8.73 -6.58 6.29
C VAL A 117 9.49 -7.66 7.05
N THR A 118 9.72 -7.42 8.34
CA THR A 118 10.39 -8.37 9.20
C THR A 118 9.50 -8.77 10.36
N PRO A 119 9.80 -9.90 11.02
CA PRO A 119 9.02 -10.28 12.20
C PRO A 119 9.07 -9.24 13.29
N GLU A 120 10.23 -8.61 13.50
CA GLU A 120 10.35 -7.58 14.54
C GLU A 120 9.44 -6.40 14.21
N PHE A 121 9.35 -6.01 12.93
CA PHE A 121 8.46 -4.94 12.53
C PHE A 121 7.01 -5.25 12.89
N LEU A 122 6.53 -6.46 12.53
CA LEU A 122 5.19 -6.86 12.94
C LEU A 122 4.98 -6.73 14.44
N GLU A 123 5.99 -7.12 15.23
CA GLU A 123 5.85 -7.05 16.69
C GLU A 123 5.86 -5.61 17.18
N LYS A 124 6.73 -4.78 16.63
CA LYS A 124 6.80 -3.38 17.06
C LYS A 124 5.46 -2.68 16.89
N TYR A 125 4.70 -3.00 15.85
CA TYR A 125 3.48 -2.26 15.55
C TYR A 125 2.21 -3.06 15.83
N LYS A 126 2.34 -4.25 16.42
CA LYS A 126 1.20 -5.06 16.80
C LYS A 126 0.37 -5.43 15.56
N ILE A 127 1.04 -5.76 14.47
CA ILE A 127 0.37 -5.99 13.20
C ILE A 127 -0.14 -7.43 13.12
N ASP A 128 -1.42 -7.61 12.78
CA ASP A 128 -1.93 -8.97 12.72
C ASP A 128 -1.76 -9.59 11.34
N TYR A 129 -1.97 -8.82 10.28
CA TYR A 129 -1.88 -9.31 8.91
C TYR A 129 -1.24 -8.26 8.03
N VAL A 130 -0.52 -8.75 7.02
CA VAL A 130 0.05 -7.93 5.97
C VAL A 130 -0.77 -8.15 4.71
N ALA A 131 -1.27 -7.06 4.12
CA ALA A 131 -2.09 -7.10 2.90
C ALA A 131 -1.28 -6.58 1.73
N HIS A 132 -1.18 -7.39 0.68
CA HIS A 132 -0.44 -7.08 -0.56
C HIS A 132 -0.96 -8.03 -1.64
N ASP A 133 -0.16 -8.25 -2.69
CA ASP A 133 -0.52 -9.24 -3.70
C ASP A 133 0.65 -9.67 -4.56
N ASP A 144 8.66 -16.00 -2.93
CA ASP A 144 8.48 -14.56 -2.90
C ASP A 144 8.82 -13.99 -1.53
N ILE A 145 8.86 -12.66 -1.44
CA ILE A 145 9.32 -11.99 -0.23
C ILE A 145 8.23 -11.87 0.84
N TYR A 146 7.06 -12.45 0.62
CA TYR A 146 6.05 -12.61 1.65
C TYR A 146 5.70 -14.08 1.88
N ALA A 147 6.50 -15.00 1.34
CA ALA A 147 6.31 -16.41 1.63
C ALA A 147 6.31 -16.67 3.12
N TRP A 148 7.19 -15.98 3.87
CA TRP A 148 7.24 -16.24 5.30
C TRP A 148 5.99 -15.75 6.01
N LEU A 149 5.34 -14.72 5.47
CA LEU A 149 4.08 -14.27 6.02
C LEU A 149 2.98 -15.29 5.74
N LYS A 150 2.96 -15.84 4.52
CA LYS A 150 2.03 -16.92 4.21
C LYS A 150 2.27 -18.12 5.10
N ARG A 151 3.53 -18.49 5.30
CA ARG A 151 3.81 -19.63 6.18
C ARG A 151 3.27 -19.36 7.56
N ALA A 152 3.28 -18.10 7.99
CA ALA A 152 2.89 -17.76 9.35
C ALA A 152 1.40 -17.49 9.50
N GLY A 153 0.65 -17.53 8.40
CA GLY A 153 -0.77 -17.20 8.43
C GLY A 153 -1.03 -15.73 8.60
N LYS A 154 -0.07 -14.89 8.22
CA LYS A 154 -0.18 -13.44 8.44
C LYS A 154 -0.25 -12.65 7.14
N PHE A 155 -0.57 -13.30 6.03
CA PHE A 155 -0.66 -12.63 4.73
C PHE A 155 -2.09 -12.68 4.21
N LYS A 156 -2.61 -11.53 3.77
CA LYS A 156 -3.93 -11.42 3.14
C LYS A 156 -3.77 -10.80 1.76
N ALA A 157 -4.15 -11.53 0.72
CA ALA A 157 -3.98 -11.04 -0.63
C ALA A 157 -5.06 -10.03 -0.99
N THR A 158 -4.68 -9.01 -1.76
CA THR A 158 -5.60 -8.05 -2.34
C THR A 158 -5.32 -7.94 -3.83
N GLN A 159 -6.30 -7.46 -4.58
CA GLN A 159 -6.22 -7.47 -6.04
C GLN A 159 -6.08 -6.06 -6.59
N ARG A 160 -5.59 -5.98 -7.83
CA ARG A 160 -5.45 -4.72 -8.54
C ARG A 160 -6.66 -4.49 -9.44
N THR A 161 -6.69 -3.31 -10.06
CA THR A 161 -7.76 -2.94 -10.99
C THR A 161 -7.13 -2.30 -12.21
N GLU A 162 -7.37 -2.91 -13.38
CA GLU A 162 -6.71 -2.47 -14.60
C GLU A 162 -7.37 -1.22 -15.17
N GLY A 163 -6.62 -0.54 -16.03
CA GLY A 163 -7.12 0.58 -16.81
C GLY A 163 -7.48 1.82 -16.04
N VAL A 164 -7.56 1.77 -14.72
CA VAL A 164 -8.08 2.88 -13.93
C VAL A 164 -6.98 3.88 -13.59
N SER A 165 -5.79 3.70 -14.17
CA SER A 165 -4.60 4.36 -13.65
C SER A 165 -4.33 5.71 -14.33
N THR A 166 -3.33 6.41 -13.78
CA THR A 166 -2.99 7.75 -14.20
C THR A 166 -2.44 7.76 -15.63
N THR A 167 -1.38 7.02 -15.86
CA THR A 167 -0.83 6.92 -17.21
C THR A 167 -1.93 6.65 -18.23
N ASP A 168 -2.91 5.82 -17.89
CA ASP A 168 -3.98 5.52 -18.84
C ASP A 168 -4.83 6.75 -19.14
N LEU A 169 -4.94 7.68 -18.20
CA LEU A 169 -5.80 8.84 -18.42
C LEU A 169 -5.15 9.85 -19.37
N ILE A 170 -3.83 9.97 -19.34
CA ILE A 170 -3.15 10.82 -20.32
C ILE A 170 -3.37 10.27 -21.72
N VAL A 171 -3.34 8.95 -21.87
CA VAL A 171 -3.67 8.32 -23.15
C VAL A 171 -5.03 8.83 -23.64
N ARG A 172 -6.00 8.85 -22.74
CA ARG A 172 -7.34 9.31 -23.08
C ARG A 172 -7.31 10.73 -23.63
N ILE A 173 -6.63 11.64 -22.91
CA ILE A 173 -6.49 13.01 -23.37
C ILE A 173 -5.87 13.04 -24.76
N LEU A 174 -4.87 12.18 -24.99
CA LEU A 174 -4.11 12.24 -26.22
C LEU A 174 -4.89 11.66 -27.39
N LYS A 175 -5.67 10.62 -27.15
CA LYS A 175 -6.46 9.97 -28.20
C LYS A 175 -7.36 10.97 -28.92
N ASN A 176 -7.51 12.16 -28.36
CA ASN A 176 -8.18 13.32 -28.97
C ASN A 176 -7.45 13.82 -30.23
N TYR A 177 -6.39 13.17 -30.72
CA TYR A 177 -5.61 13.70 -31.84
C TYR A 177 -5.19 12.59 -32.79
#